data_8QMM
#
_entry.id   8QMM
#
_cell.length_a   63.810
_cell.length_b   82.140
_cell.length_c   70.240
_cell.angle_alpha   90.00
_cell.angle_beta   90.00
_cell.angle_gamma   90.00
#
_symmetry.space_group_name_H-M   'P 21 21 2'
#
loop_
_entity.id
_entity.type
_entity.pdbx_description
1 polymer '[FeFe] hydrogenase maturase subunit HydE'
2 non-polymer 3-[(3-CHOLAMIDOPROPYL)DIMETHYLAMMONIO]-1-PROPANESULFONATE
3 non-polymer S-ADENOSYL-L-HOMOCYSTEINE
4 non-polymer 'IRON/SULFUR CLUSTER'
5 non-polymer 'CHLORIDE ION'
6 non-polymer 'SULFATE ION'
7 water water
#
_entity_poly.entity_id   1
_entity_poly.type   'polypeptide(L)'
_entity_poly.pdbx_seq_one_letter_code
;MWSHPQFEKASTGREILEKLERREFTREVLKEALSINDRGFNEALFKLADEIRRKYVGDEVHIRAIIEFSNVCRKNCLYC
GLRRDNKNLKRYRMTPEEIVERARLAVQFGAKTIVLQSGEDPYYMPDVISDIVKEIKKMGVAVTLSLGEWPREYYEKWKE
AGADRYLLRHETANPVLHRKLRPDTSFENRLNCLLTLKELGYETGAGSMVGLPGQTIDDLVDDLLFLKEHDFDMVGIGPF
IPHPDTPLANEKKGDFTLTLKMVALTRILLPDSNIPATTAMGTIVPGGREITLRCGANVIIPNWTPSPYRQLYQLYPGKI
SVFEKDTASIPSVMKMIELLGRKPGRDWGGRKRVFETV
;
_entity_poly.pdbx_strand_id   A
#
loop_
_chem_comp.id
_chem_comp.type
_chem_comp.name
_chem_comp.formula
CL non-polymer 'CHLORIDE ION' 'Cl -1'
CPS non-polymer 3-[(3-CHOLAMIDOPROPYL)DIMETHYLAMMONIO]-1-PROPANESULFONATE 'C32 H58 N2 O7 S'
SAH non-polymer S-ADENOSYL-L-HOMOCYSTEINE 'C14 H20 N6 O5 S'
SF4 non-polymer 'IRON/SULFUR CLUSTER' 'Fe4 S4'
SO4 non-polymer 'SULFATE ION' 'O4 S -2'
#
# COMPACT_ATOMS: atom_id res chain seq x y z
N MET A 1 51.06 -3.87 2.91
CA MET A 1 49.60 -4.18 2.67
C MET A 1 49.34 -5.66 2.95
N TRP A 2 48.15 -5.89 3.37
CA TRP A 2 47.64 -7.11 3.92
CA TRP A 2 47.71 -7.17 3.82
C TRP A 2 46.31 -7.39 3.25
N SER A 3 45.84 -8.61 3.46
CA SER A 3 44.61 -9.06 2.84
CA SER A 3 44.61 -9.06 2.84
C SER A 3 43.37 -8.50 3.54
N HIS A 4 42.24 -8.60 2.85
CA HIS A 4 40.98 -8.10 3.35
C HIS A 4 39.87 -9.10 3.04
N PRO A 5 39.85 -10.25 3.72
CA PRO A 5 38.84 -11.26 3.40
C PRO A 5 37.48 -10.85 3.94
N GLN A 6 36.45 -11.36 3.31
CA GLN A 6 35.09 -11.17 3.80
C GLN A 6 34.81 -12.17 4.92
N PHE A 7 33.80 -11.84 5.69
CA PHE A 7 33.31 -12.70 6.77
C PHE A 7 32.34 -13.71 6.25
N GLU A 8 32.17 -14.81 6.99
CA GLU A 8 31.26 -15.89 6.64
C GLU A 8 29.83 -15.35 6.60
N LYS A 9 29.06 -15.85 5.63
CA LYS A 9 27.75 -15.29 5.34
C LYS A 9 26.69 -15.65 6.38
N ALA A 10 26.67 -16.89 6.90
CA ALA A 10 25.67 -17.19 7.94
C ALA A 10 25.88 -16.32 9.16
N SER A 11 27.14 -16.14 9.60
CA SER A 11 27.41 -15.36 10.81
C SER A 11 27.10 -13.88 10.59
N THR A 12 27.41 -13.34 9.43
CA THR A 12 27.06 -11.98 9.08
CA THR A 12 27.06 -11.95 9.17
C THR A 12 25.55 -11.79 9.05
N GLY A 13 24.88 -12.74 8.41
CA GLY A 13 23.41 -12.64 8.38
C GLY A 13 22.81 -12.69 9.78
N ARG A 14 23.36 -13.53 10.68
CA ARG A 14 22.90 -13.60 12.05
CA ARG A 14 22.86 -13.60 12.05
C ARG A 14 23.13 -12.28 12.77
N GLU A 15 24.28 -11.66 12.50
CA GLU A 15 24.54 -10.37 13.10
C GLU A 15 23.56 -9.28 12.63
N ILE A 16 23.21 -9.29 11.35
CA ILE A 16 22.19 -8.36 10.86
C ILE A 16 20.88 -8.60 11.59
N LEU A 17 20.47 -9.88 11.72
CA LEU A 17 19.22 -10.16 12.44
C LEU A 17 19.29 -9.69 13.88
N GLU A 18 20.43 -9.86 14.55
CA GLU A 18 20.54 -9.41 15.91
C GLU A 18 20.46 -7.88 15.99
N LYS A 19 21.06 -7.17 15.01
CA LYS A 19 20.96 -5.71 14.98
C LYS A 19 19.49 -5.28 14.82
N LEU A 20 18.75 -5.96 13.94
CA LEU A 20 17.33 -5.68 13.75
C LEU A 20 16.56 -5.95 15.03
N GLU A 21 16.85 -7.08 15.71
CA GLU A 21 16.15 -7.42 16.94
C GLU A 21 16.42 -6.35 18.00
N ARG A 22 17.65 -5.82 18.02
CA ARG A 22 18.03 -4.76 18.93
C ARG A 22 17.63 -3.37 18.42
N ARG A 23 16.98 -3.32 17.26
CA ARG A 23 16.46 -2.07 16.71
C ARG A 23 17.57 -1.05 16.39
N GLU A 24 18.69 -1.55 15.87
CA GLU A 24 19.81 -0.74 15.41
C GLU A 24 19.69 -0.57 13.90
N PHE A 25 18.93 0.44 13.44
CA PHE A 25 18.48 0.55 12.04
C PHE A 25 19.41 1.42 11.22
N THR A 26 20.68 1.06 11.20
CA THR A 26 21.60 1.85 10.44
C THR A 26 21.37 1.54 8.96
N ARG A 27 21.83 2.45 8.12
CA ARG A 27 21.72 2.28 6.70
CA ARG A 27 21.74 2.28 6.70
C ARG A 27 22.44 1.00 6.26
N GLU A 28 23.63 0.70 6.83
CA GLU A 28 24.35 -0.49 6.41
C GLU A 28 23.57 -1.74 6.78
N VAL A 29 22.87 -1.73 7.91
CA VAL A 29 22.09 -2.87 8.36
C VAL A 29 20.94 -3.06 7.41
N LEU A 30 20.19 -2.01 7.08
CA LEU A 30 19.06 -2.18 6.19
C LEU A 30 19.52 -2.56 4.79
N LYS A 31 20.59 -1.98 4.29
CA LYS A 31 21.10 -2.33 2.97
C LYS A 31 21.51 -3.81 2.92
N GLU A 32 22.20 -4.29 3.93
CA GLU A 32 22.61 -5.68 3.91
C GLU A 32 21.41 -6.59 4.05
N ALA A 33 20.43 -6.24 4.89
CA ALA A 33 19.24 -7.07 4.99
C ALA A 33 18.59 -7.22 3.62
N LEU A 34 18.48 -6.14 2.83
CA LEU A 34 17.86 -6.21 1.51
C LEU A 34 18.75 -6.90 0.50
N SER A 35 20.06 -6.92 0.70
CA SER A 35 20.96 -7.46 -0.29
C SER A 35 21.18 -8.95 -0.12
N ILE A 36 21.07 -9.47 1.09
CA ILE A 36 21.37 -10.87 1.36
C ILE A 36 20.45 -11.76 0.54
N ASN A 37 20.99 -12.78 -0.08
CA ASN A 37 20.17 -13.67 -0.89
C ASN A 37 19.91 -15.02 -0.23
N ASP A 38 20.48 -15.25 0.95
CA ASP A 38 20.32 -16.52 1.66
C ASP A 38 18.89 -16.64 2.12
N ARG A 39 18.22 -17.70 1.71
CA ARG A 39 16.83 -17.81 2.05
CA ARG A 39 16.82 -17.88 2.04
C ARG A 39 16.58 -18.23 3.51
N GLY A 40 17.60 -18.75 4.20
CA GLY A 40 17.50 -18.89 5.65
C GLY A 40 17.53 -17.56 6.36
N PHE A 41 18.34 -16.62 5.90
CA PHE A 41 18.26 -15.25 6.42
C PHE A 41 16.88 -14.67 6.18
N ASN A 42 16.38 -14.84 4.96
CA ASN A 42 15.10 -14.26 4.62
C ASN A 42 14.02 -14.82 5.52
N GLU A 43 14.02 -16.14 5.70
CA GLU A 43 12.99 -16.75 6.55
C GLU A 43 13.05 -16.23 7.98
N ALA A 44 14.26 -16.05 8.50
CA ALA A 44 14.42 -15.48 9.83
C ALA A 44 13.90 -14.04 9.89
N LEU A 45 14.15 -13.28 8.82
CA LEU A 45 13.63 -11.92 8.76
C LEU A 45 12.11 -11.90 8.77
N PHE A 46 11.48 -12.75 7.96
CA PHE A 46 10.04 -12.83 7.92
C PHE A 46 9.49 -13.25 9.27
N LYS A 47 10.15 -14.20 9.93
CA LYS A 47 9.69 -14.64 11.23
C LYS A 47 9.81 -13.52 12.26
N LEU A 48 10.86 -12.72 12.20
CA LEU A 48 10.99 -11.58 13.11
C LEU A 48 9.86 -10.60 12.85
N ALA A 49 9.58 -10.28 11.61
CA ALA A 49 8.48 -9.38 11.32
C ALA A 49 7.17 -9.96 11.78
N ASP A 50 6.94 -11.23 11.57
CA ASP A 50 5.71 -11.84 12.03
C ASP A 50 5.61 -11.77 13.53
N GLU A 51 6.70 -11.96 14.25
CA GLU A 51 6.71 -11.86 15.69
C GLU A 51 6.31 -10.48 16.15
N ILE A 52 6.93 -9.47 15.56
CA ILE A 52 6.61 -8.10 15.97
CA ILE A 52 6.62 -8.08 15.91
C ILE A 52 5.16 -7.79 15.62
N ARG A 53 4.66 -8.25 14.48
CA ARG A 53 3.26 -8.08 14.12
C ARG A 53 2.37 -8.68 15.20
N ARG A 54 2.62 -9.93 15.59
CA ARG A 54 1.82 -10.59 16.58
C ARG A 54 1.83 -9.79 17.84
N LYS A 55 2.96 -9.24 18.24
CA LYS A 55 3.04 -8.57 19.54
CA LYS A 55 3.09 -8.56 19.52
C LYS A 55 2.38 -7.21 19.56
N TYR A 56 2.45 -6.45 18.47
CA TYR A 56 2.02 -5.06 18.53
CA TYR A 56 2.06 -5.05 18.49
C TYR A 56 0.77 -4.76 17.72
N VAL A 57 0.34 -5.61 16.79
CA VAL A 57 -0.98 -5.44 16.16
C VAL A 57 -1.86 -6.66 16.27
N GLY A 58 -1.39 -7.76 16.81
CA GLY A 58 -2.25 -8.85 17.15
C GLY A 58 -2.69 -9.64 15.93
N ASP A 59 -3.78 -10.39 16.08
CA ASP A 59 -4.22 -11.38 15.12
CA ASP A 59 -4.19 -11.38 15.10
C ASP A 59 -5.29 -10.86 14.18
N GLU A 60 -5.84 -9.67 14.39
CA GLU A 60 -6.85 -9.16 13.49
C GLU A 60 -6.24 -8.79 12.16
N VAL A 61 -6.90 -9.22 11.08
CA VAL A 61 -6.54 -8.71 9.75
C VAL A 61 -7.69 -7.76 9.39
N HIS A 62 -7.36 -6.50 9.30
CA HIS A 62 -8.40 -5.50 9.01
C HIS A 62 -8.77 -5.52 7.55
N ILE A 63 -10.07 -5.55 7.30
CA ILE A 63 -10.59 -5.64 5.95
C ILE A 63 -11.04 -4.25 5.51
N ARG A 64 -10.48 -3.74 4.44
CA ARG A 64 -10.86 -2.41 3.90
C ARG A 64 -11.45 -2.68 2.52
N ALA A 65 -12.72 -2.37 2.29
CA ALA A 65 -13.30 -2.65 1.00
C ALA A 65 -13.08 -1.46 0.09
N ILE A 66 -12.44 -1.66 -1.06
CA ILE A 66 -12.10 -0.55 -1.96
C ILE A 66 -13.06 -0.47 -3.12
N ILE A 67 -13.50 0.77 -3.42
CA ILE A 67 -14.27 1.04 -4.61
C ILE A 67 -13.43 2.00 -5.44
N GLU A 68 -13.03 1.54 -6.61
CA GLU A 68 -12.22 2.31 -7.56
C GLU A 68 -13.19 2.97 -8.51
N PHE A 69 -13.63 4.18 -8.16
CA PHE A 69 -14.89 4.67 -8.72
C PHE A 69 -14.72 5.46 -10.01
N SER A 70 -13.50 5.78 -10.42
CA SER A 70 -13.23 6.42 -11.70
C SER A 70 -11.82 6.06 -12.11
N ASN A 71 -11.64 5.74 -13.38
CA ASN A 71 -10.31 5.53 -13.89
C ASN A 71 -9.82 6.70 -14.73
N VAL A 72 -10.45 7.86 -14.61
CA VAL A 72 -10.02 9.06 -15.31
C VAL A 72 -8.89 9.66 -14.51
N CYS A 73 -7.79 10.05 -15.19
CA CYS A 73 -6.69 10.71 -14.49
C CYS A 73 -6.09 11.81 -15.33
N ARG A 74 -5.85 12.95 -14.67
CA ARG A 74 -5.19 14.08 -15.31
C ARG A 74 -3.68 13.91 -15.37
N LYS A 75 -3.09 13.00 -14.62
CA LYS A 75 -1.64 12.81 -14.57
C LYS A 75 -1.23 11.76 -15.57
N ASN A 76 0.09 11.59 -15.68
CA ASN A 76 0.71 10.80 -16.73
C ASN A 76 1.84 9.93 -16.19
N CYS A 77 1.73 9.40 -14.98
CA CYS A 77 2.78 8.61 -14.37
C CYS A 77 3.23 7.50 -15.31
N LEU A 78 4.54 7.34 -15.46
CA LEU A 78 5.03 6.45 -16.51
C LEU A 78 4.73 5.00 -16.23
N TYR A 79 4.50 4.63 -14.98
CA TYR A 79 4.25 3.23 -14.61
C TYR A 79 2.79 2.81 -14.71
N CYS A 80 1.87 3.76 -14.75
CA CYS A 80 0.47 3.47 -14.45
C CYS A 80 -0.39 3.34 -15.69
N GLY A 81 -1.16 2.26 -15.75
CA GLY A 81 -2.04 2.04 -16.88
C GLY A 81 -3.12 3.13 -17.03
N LEU A 82 -3.41 3.91 -15.97
CA LEU A 82 -4.44 4.96 -16.07
C LEU A 82 -3.87 6.26 -16.54
N ARG A 83 -2.57 6.34 -16.81
CA ARG A 83 -1.99 7.59 -17.28
C ARG A 83 -2.79 8.15 -18.44
N ARG A 84 -2.87 9.48 -18.51
CA ARG A 84 -3.77 10.09 -19.49
C ARG A 84 -3.37 9.74 -20.91
N ASP A 85 -2.10 9.49 -21.17
CA ASP A 85 -1.70 9.18 -22.54
C ASP A 85 -2.07 7.76 -23.01
N ASN A 86 -2.57 6.92 -22.11
CA ASN A 86 -3.01 5.57 -22.54
C ASN A 86 -4.40 5.67 -23.12
N LYS A 87 -4.47 5.72 -24.45
CA LYS A 87 -5.74 5.80 -25.14
C LYS A 87 -6.34 4.42 -25.34
N ASN A 88 -5.65 3.33 -25.00
CA ASN A 88 -6.10 1.95 -25.20
CA ASN A 88 -6.13 1.98 -25.25
C ASN A 88 -6.82 1.42 -23.96
C ASN A 88 -7.19 1.51 -24.22
N LEU A 89 -7.62 2.28 -23.36
N LEU A 89 -7.51 2.34 -23.25
CA LEU A 89 -8.34 1.94 -22.14
CA LEU A 89 -8.34 1.94 -22.12
C LEU A 89 -9.67 2.66 -22.16
N LYS A 90 -10.75 1.91 -21.97
CA LYS A 90 -12.04 2.55 -21.83
CA LYS A 90 -12.05 2.53 -21.82
C LYS A 90 -12.12 3.22 -20.46
N ARG A 91 -12.52 4.48 -20.45
CA ARG A 91 -12.63 5.26 -19.23
C ARG A 91 -14.05 5.20 -18.69
N TYR A 92 -14.17 5.28 -17.38
CA TYR A 92 -15.47 5.28 -16.73
C TYR A 92 -15.47 6.19 -15.53
N ARG A 93 -16.68 6.57 -15.12
CA ARG A 93 -16.93 7.22 -13.86
C ARG A 93 -18.21 6.70 -13.27
N MET A 94 -18.21 6.37 -11.99
CA MET A 94 -19.39 5.96 -11.27
C MET A 94 -20.17 7.15 -10.77
N THR A 95 -21.49 7.08 -10.76
CA THR A 95 -22.26 8.15 -10.19
C THR A 95 -22.16 8.09 -8.67
N PRO A 96 -22.48 9.20 -7.98
CA PRO A 96 -22.50 9.15 -6.51
C PRO A 96 -23.43 8.10 -5.97
N GLU A 97 -24.60 7.93 -6.56
CA GLU A 97 -25.49 6.92 -6.05
CA GLU A 97 -25.50 6.91 -6.06
C GLU A 97 -24.94 5.52 -6.25
N GLU A 98 -24.28 5.27 -7.38
CA GLU A 98 -23.67 3.98 -7.59
C GLU A 98 -22.65 3.72 -6.48
N ILE A 99 -21.83 4.74 -6.19
CA ILE A 99 -20.74 4.62 -5.20
C ILE A 99 -21.33 4.36 -3.81
N VAL A 100 -22.27 5.20 -3.41
CA VAL A 100 -22.84 5.09 -2.06
C VAL A 100 -23.54 3.76 -1.89
N GLU A 101 -24.33 3.33 -2.87
CA GLU A 101 -25.02 2.07 -2.69
C GLU A 101 -24.08 0.87 -2.72
N ARG A 102 -23.01 0.97 -3.49
CA ARG A 102 -22.03 -0.09 -3.49
C ARG A 102 -21.31 -0.14 -2.15
N ALA A 103 -21.00 1.02 -1.58
CA ALA A 103 -20.43 1.09 -0.23
C ALA A 103 -21.37 0.46 0.78
N ARG A 104 -22.65 0.81 0.70
CA ARG A 104 -23.63 0.24 1.63
C ARG A 104 -23.63 -1.28 1.57
N LEU A 105 -23.51 -1.83 0.35
CA LEU A 105 -23.47 -3.28 0.25
C LEU A 105 -22.23 -3.87 0.92
N ALA A 106 -21.08 -3.23 0.74
CA ALA A 106 -19.89 -3.67 1.45
C ALA A 106 -20.07 -3.64 2.97
N VAL A 107 -20.67 -2.55 3.46
CA VAL A 107 -20.94 -2.42 4.91
C VAL A 107 -21.81 -3.57 5.35
N GLN A 108 -22.82 -3.89 4.59
CA GLN A 108 -23.71 -5.00 4.96
C GLN A 108 -23.00 -6.34 4.93
N PHE A 109 -22.04 -6.50 4.05
CA PHE A 109 -21.19 -7.69 4.01
C PHE A 109 -20.16 -7.68 5.12
N GLY A 110 -20.10 -6.63 5.96
CA GLY A 110 -19.28 -6.59 7.14
C GLY A 110 -18.06 -5.71 7.07
N ALA A 111 -17.84 -4.97 5.97
CA ALA A 111 -16.68 -4.11 5.87
C ALA A 111 -16.81 -2.97 6.87
N LYS A 112 -15.74 -2.73 7.63
CA LYS A 112 -15.76 -1.67 8.62
CA LYS A 112 -15.68 -1.70 8.65
C LYS A 112 -14.99 -0.43 8.16
N THR A 113 -14.33 -0.49 7.01
CA THR A 113 -13.72 0.64 6.34
C THR A 113 -14.07 0.55 4.89
N ILE A 114 -14.45 1.68 4.29
CA ILE A 114 -14.61 1.80 2.86
C ILE A 114 -13.50 2.70 2.35
N VAL A 115 -12.76 2.23 1.36
CA VAL A 115 -11.73 3.00 0.68
C VAL A 115 -12.29 3.47 -0.63
N LEU A 116 -12.20 4.77 -0.91
CA LEU A 116 -12.61 5.30 -2.21
C LEU A 116 -11.34 5.72 -2.90
N GLN A 117 -11.09 5.14 -4.07
CA GLN A 117 -9.88 5.42 -4.82
C GLN A 117 -10.26 5.75 -6.24
N SER A 118 -9.47 6.62 -6.87
CA SER A 118 -9.68 6.97 -8.26
C SER A 118 -8.38 7.46 -8.87
N GLY A 119 -8.40 7.57 -10.20
CA GLY A 119 -7.48 8.50 -10.84
C GLY A 119 -7.73 9.90 -10.35
N GLU A 120 -6.80 10.81 -10.65
CA GLU A 120 -7.03 12.21 -10.31
C GLU A 120 -8.02 12.77 -11.32
N ASP A 121 -9.30 12.64 -10.99
CA ASP A 121 -10.42 12.95 -11.85
C ASP A 121 -11.09 14.24 -11.38
N PRO A 122 -10.83 15.39 -12.05
CA PRO A 122 -11.38 16.66 -11.57
C PRO A 122 -12.88 16.71 -11.49
N TYR A 123 -13.60 15.81 -12.15
CA TYR A 123 -15.06 15.87 -12.07
C TYR A 123 -15.57 15.95 -10.64
N TYR A 124 -14.99 15.14 -9.75
CA TYR A 124 -15.56 14.91 -8.45
C TYR A 124 -15.11 15.96 -7.45
N MET A 125 -14.11 16.79 -7.77
CA MET A 125 -13.32 17.44 -6.73
C MET A 125 -13.72 18.90 -6.57
N PRO A 126 -13.97 19.39 -5.36
CA PRO A 126 -14.07 18.66 -4.12
C PRO A 126 -15.44 18.16 -3.71
N ASP A 127 -16.49 18.77 -4.24
CA ASP A 127 -17.77 18.71 -3.58
C ASP A 127 -18.50 17.37 -3.77
N VAL A 128 -18.30 16.70 -4.90
CA VAL A 128 -18.95 15.40 -5.10
C VAL A 128 -18.40 14.41 -4.10
N ILE A 129 -17.07 14.40 -3.92
CA ILE A 129 -16.45 13.57 -2.88
C ILE A 129 -17.03 13.87 -1.50
N SER A 130 -17.12 15.15 -1.13
CA SER A 130 -17.65 15.47 0.18
C SER A 130 -19.01 14.86 0.42
N ASP A 131 -19.89 14.93 -0.57
CA ASP A 131 -21.23 14.44 -0.39
CA ASP A 131 -21.24 14.43 -0.36
C ASP A 131 -21.24 12.91 -0.25
N ILE A 132 -20.42 12.24 -1.04
CA ILE A 132 -20.31 10.78 -0.95
C ILE A 132 -19.80 10.40 0.43
N VAL A 133 -18.75 11.07 0.88
CA VAL A 133 -18.16 10.76 2.20
C VAL A 133 -19.19 10.94 3.29
N LYS A 134 -19.96 12.03 3.25
CA LYS A 134 -20.98 12.24 4.28
C LYS A 134 -21.99 11.09 4.29
N GLU A 135 -22.40 10.62 3.12
CA GLU A 135 -23.36 9.53 3.07
C GLU A 135 -22.78 8.24 3.61
N ILE A 136 -21.53 7.93 3.32
CA ILE A 136 -20.95 6.70 3.78
C ILE A 136 -20.70 6.74 5.28
N LYS A 137 -20.35 7.92 5.81
CA LYS A 137 -20.12 8.02 7.25
C LYS A 137 -21.41 7.76 8.01
N LYS A 138 -22.57 8.01 7.46
CA LYS A 138 -23.83 7.68 8.12
C LYS A 138 -24.00 6.19 8.33
N MET A 139 -23.23 5.37 7.64
CA MET A 139 -23.35 3.91 7.72
C MET A 139 -22.56 3.37 8.89
N GLY A 140 -21.83 4.17 9.66
CA GLY A 140 -21.17 3.70 10.85
C GLY A 140 -19.81 3.08 10.64
N VAL A 141 -19.15 3.38 9.54
CA VAL A 141 -17.86 2.83 9.18
C VAL A 141 -16.82 3.94 9.03
N ALA A 142 -15.56 3.56 8.95
CA ALA A 142 -14.48 4.45 8.60
C ALA A 142 -14.47 4.66 7.09
N VAL A 143 -14.02 5.84 6.68
CA VAL A 143 -13.81 6.18 5.28
C VAL A 143 -12.38 6.56 5.04
N THR A 144 -11.77 5.93 4.07
CA THR A 144 -10.41 6.22 3.62
C THR A 144 -10.48 6.72 2.20
N LEU A 145 -9.76 7.80 1.89
CA LEU A 145 -9.68 8.33 0.54
C LEU A 145 -8.32 8.08 -0.04
N SER A 146 -8.28 7.85 -1.35
CA SER A 146 -7.04 7.67 -2.07
C SER A 146 -7.24 8.31 -3.44
N LEU A 147 -7.17 9.63 -3.49
CA LEU A 147 -7.56 10.38 -4.68
C LEU A 147 -6.40 11.15 -5.30
N GLY A 148 -5.20 11.00 -4.78
CA GLY A 148 -4.05 11.71 -5.32
C GLY A 148 -3.80 13.05 -4.66
N GLU A 149 -3.11 13.88 -5.42
CA GLU A 149 -2.61 15.18 -4.97
C GLU A 149 -3.61 16.28 -5.29
N TRP A 150 -4.10 16.99 -4.26
CA TRP A 150 -5.09 18.06 -4.41
C TRP A 150 -4.71 19.17 -3.48
N PRO A 151 -5.31 20.36 -3.64
CA PRO A 151 -4.99 21.45 -2.72
C PRO A 151 -5.43 21.17 -1.31
N ARG A 152 -4.79 21.88 -0.38
CA ARG A 152 -5.13 21.75 1.03
CA ARG A 152 -5.12 21.79 1.04
C ARG A 152 -6.62 21.98 1.27
N GLU A 153 -7.22 22.95 0.57
CA GLU A 153 -8.61 23.24 0.80
CA GLU A 153 -8.62 23.26 0.75
C GLU A 153 -9.50 22.03 0.50
N TYR A 154 -9.11 21.19 -0.47
CA TYR A 154 -9.91 20.02 -0.79
C TYR A 154 -9.77 19.02 0.33
N TYR A 155 -8.54 18.76 0.75
CA TYR A 155 -8.31 17.86 1.87
C TYR A 155 -9.05 18.32 3.12
N GLU A 156 -9.13 19.64 3.36
CA GLU A 156 -9.85 20.18 4.50
CA GLU A 156 -9.85 20.12 4.52
C GLU A 156 -11.35 19.91 4.38
N LYS A 157 -11.90 20.12 3.19
CA LYS A 157 -13.32 19.87 3.00
C LYS A 157 -13.65 18.40 3.22
N TRP A 158 -12.77 17.52 2.76
CA TRP A 158 -13.05 16.08 2.91
C TRP A 158 -12.94 15.65 4.35
N LYS A 159 -12.04 16.27 5.13
CA LYS A 159 -11.94 15.95 6.52
C LYS A 159 -13.19 16.44 7.27
N GLU A 160 -13.66 17.64 6.94
CA GLU A 160 -14.89 18.15 7.53
CA GLU A 160 -14.89 18.14 7.54
C GLU A 160 -16.07 17.28 7.13
N ALA A 161 -16.05 16.69 5.94
CA ALA A 161 -17.11 15.78 5.51
C ALA A 161 -17.07 14.47 6.28
N GLY A 162 -15.99 14.18 6.99
CA GLY A 162 -15.90 13.00 7.84
C GLY A 162 -14.88 11.97 7.42
N ALA A 163 -14.07 12.22 6.42
CA ALA A 163 -13.09 11.23 6.03
C ALA A 163 -12.14 10.98 7.20
N ASP A 164 -11.74 9.73 7.41
CA ASP A 164 -10.88 9.35 8.49
C ASP A 164 -9.42 9.18 8.09
N ARG A 165 -9.14 8.70 6.91
CA ARG A 165 -7.81 8.31 6.53
C ARG A 165 -7.56 8.73 5.08
N TYR A 166 -6.29 8.84 4.73
CA TYR A 166 -5.93 9.14 3.33
C TYR A 166 -4.69 8.36 2.98
N LEU A 167 -4.75 7.67 1.84
CA LEU A 167 -3.63 6.91 1.31
C LEU A 167 -2.98 7.68 0.18
N LEU A 168 -1.70 7.97 0.30
CA LEU A 168 -0.96 8.68 -0.73
C LEU A 168 0.45 8.09 -0.76
N ARG A 169 0.61 6.98 -1.48
CA ARG A 169 1.93 6.35 -1.49
C ARG A 169 2.95 7.35 -1.97
N HIS A 170 4.12 7.41 -1.32
CA HIS A 170 5.16 8.32 -1.78
C HIS A 170 5.83 7.83 -3.06
N GLU A 171 5.66 6.57 -3.43
CA GLU A 171 6.09 5.94 -4.67
C GLU A 171 7.57 5.63 -4.70
N THR A 172 8.37 6.68 -4.57
CA THR A 172 9.81 6.60 -4.47
C THR A 172 10.26 7.86 -3.74
N ALA A 173 11.16 7.68 -2.77
CA ALA A 173 11.73 8.79 -2.07
C ALA A 173 12.90 9.41 -2.82
N ASN A 174 13.35 8.85 -3.92
CA ASN A 174 14.43 9.43 -4.68
C ASN A 174 13.83 10.56 -5.51
N PRO A 175 14.17 11.83 -5.24
CA PRO A 175 13.46 12.94 -5.88
CA PRO A 175 13.46 12.94 -5.88
C PRO A 175 13.74 13.01 -7.38
N VAL A 176 14.92 12.57 -7.81
CA VAL A 176 15.28 12.57 -9.20
C VAL A 176 14.44 11.55 -9.95
N LEU A 177 14.39 10.31 -9.46
CA LEU A 177 13.58 9.29 -10.05
C LEU A 177 12.10 9.64 -9.97
N HIS A 178 11.67 10.21 -8.86
CA HIS A 178 10.26 10.54 -8.70
C HIS A 178 9.81 11.45 -9.83
N ARG A 179 10.57 12.51 -10.14
CA ARG A 179 10.19 13.42 -11.21
C ARG A 179 10.24 12.73 -12.56
N LYS A 180 11.19 11.87 -12.79
CA LYS A 180 11.26 11.15 -14.06
CA LYS A 180 11.27 11.14 -14.05
C LYS A 180 10.03 10.26 -14.27
N LEU A 181 9.59 9.59 -13.22
CA LEU A 181 8.46 8.67 -13.34
C LEU A 181 7.11 9.36 -13.21
N ARG A 182 7.06 10.58 -12.65
CA ARG A 182 5.82 11.29 -12.35
C ARG A 182 6.00 12.71 -12.85
N PRO A 183 5.96 12.88 -14.18
CA PRO A 183 6.46 14.10 -14.80
C PRO A 183 5.58 15.31 -14.55
N ASP A 184 4.39 15.12 -13.99
CA ASP A 184 3.50 16.21 -13.64
C ASP A 184 3.84 16.87 -12.31
N THR A 185 4.68 16.24 -11.50
CA THR A 185 4.75 16.60 -10.11
C THR A 185 6.15 16.32 -9.58
N SER A 186 6.26 16.13 -8.27
CA SER A 186 7.58 16.04 -7.65
C SER A 186 7.42 15.36 -6.32
N PHE A 187 8.53 14.82 -5.81
CA PHE A 187 8.50 14.25 -4.48
C PHE A 187 8.15 15.35 -3.46
N GLU A 188 8.68 16.56 -3.65
CA GLU A 188 8.35 17.63 -2.74
C GLU A 188 6.85 17.84 -2.63
N ASN A 189 6.13 17.85 -3.77
CA ASN A 189 4.69 18.00 -3.75
CA ASN A 189 4.71 18.06 -3.65
C ASN A 189 4.04 16.86 -2.98
N ARG A 190 4.50 15.66 -3.28
CA ARG A 190 3.92 14.46 -2.69
C ARG A 190 4.06 14.53 -1.17
N LEU A 191 5.27 14.86 -0.70
CA LEU A 191 5.52 15.02 0.71
C LEU A 191 4.68 16.11 1.31
N ASN A 192 4.58 17.26 0.65
CA ASN A 192 3.75 18.33 1.19
CA ASN A 192 3.76 18.33 1.18
C ASN A 192 2.31 17.90 1.36
N CYS A 193 1.78 17.12 0.44
CA CYS A 193 0.43 16.59 0.58
C CYS A 193 0.34 15.71 1.79
N LEU A 194 1.30 14.80 1.98
CA LEU A 194 1.30 13.94 3.16
C LEU A 194 1.38 14.74 4.44
N LEU A 195 2.22 15.78 4.48
CA LEU A 195 2.33 16.60 5.69
C LEU A 195 1.03 17.34 5.95
N THR A 196 0.37 17.84 4.91
CA THR A 196 -0.90 18.54 5.05
C THR A 196 -1.94 17.60 5.60
N LEU A 197 -2.03 16.43 5.01
CA LEU A 197 -3.02 15.43 5.46
C LEU A 197 -2.84 15.13 6.93
N LYS A 198 -1.62 14.90 7.37
CA LYS A 198 -1.39 14.62 8.77
C LYS A 198 -1.75 15.83 9.64
N GLU A 199 -1.41 17.03 9.22
CA GLU A 199 -1.71 18.22 10.00
C GLU A 199 -3.24 18.34 10.19
N LEU A 200 -4.03 17.99 9.18
CA LEU A 200 -5.47 18.06 9.21
C LEU A 200 -6.07 16.95 10.04
N GLY A 201 -5.27 16.01 10.54
CA GLY A 201 -5.79 14.96 11.42
C GLY A 201 -6.19 13.66 10.76
N TYR A 202 -5.90 13.51 9.50
CA TYR A 202 -6.09 12.20 8.87
C TYR A 202 -5.11 11.21 9.44
N GLU A 203 -5.51 9.94 9.53
CA GLU A 203 -4.54 8.84 9.54
CA GLU A 203 -4.56 8.83 9.52
C GLU A 203 -4.02 8.76 8.14
N THR A 204 -2.70 8.71 7.98
N THR A 204 -2.69 8.77 7.98
CA THR A 204 -2.05 8.90 6.70
CA THR A 204 -2.12 8.83 6.66
C THR A 204 -1.23 7.68 6.31
C THR A 204 -1.31 7.60 6.33
N GLY A 205 -1.38 7.24 5.05
CA GLY A 205 -0.62 6.16 4.51
C GLY A 205 0.32 6.60 3.43
N ALA A 206 1.53 6.07 3.45
CA ALA A 206 2.51 6.26 2.42
C ALA A 206 2.90 4.91 1.88
N GLY A 207 4.11 4.75 1.31
CA GLY A 207 4.50 3.49 0.73
C GLY A 207 5.01 3.67 -0.66
N SER A 208 5.52 2.61 -1.21
CA SER A 208 6.31 2.71 -2.43
C SER A 208 6.19 1.44 -3.22
N MET A 209 6.61 1.58 -4.47
CA MET A 209 6.73 0.43 -5.34
C MET A 209 8.14 -0.06 -5.30
N VAL A 210 8.29 -1.36 -5.39
CA VAL A 210 9.60 -2.02 -5.34
C VAL A 210 9.93 -2.56 -6.71
N GLY A 211 11.14 -2.25 -7.20
CA GLY A 211 11.58 -2.68 -8.48
C GLY A 211 11.28 -1.76 -9.64
N LEU A 212 11.03 -0.49 -9.34
CA LEU A 212 10.87 0.50 -10.37
C LEU A 212 12.11 0.60 -11.21
N PRO A 213 12.00 0.96 -12.51
CA PRO A 213 13.18 1.15 -13.35
CA PRO A 213 13.21 1.10 -13.31
C PRO A 213 14.04 2.25 -12.74
N GLY A 214 15.31 2.03 -12.63
CA GLY A 214 16.21 3.05 -12.13
C GLY A 214 16.33 3.06 -10.63
N GLN A 215 15.59 2.23 -9.91
CA GLN A 215 15.61 2.20 -8.48
C GLN A 215 16.62 1.18 -7.99
N THR A 216 17.46 1.57 -7.04
CA THR A 216 18.49 0.68 -6.49
C THR A 216 18.15 0.26 -5.08
N ILE A 217 18.96 -0.63 -4.53
CA ILE A 217 18.80 -1.04 -3.13
C ILE A 217 18.98 0.17 -2.23
N ASP A 218 19.94 1.06 -2.57
CA ASP A 218 20.09 2.27 -1.76
C ASP A 218 18.81 3.11 -1.75
N ASP A 219 18.10 3.16 -2.87
CA ASP A 219 16.83 3.87 -2.91
C ASP A 219 15.80 3.21 -2.01
N LEU A 220 15.78 1.89 -1.98
CA LEU A 220 14.86 1.17 -1.11
C LEU A 220 15.16 1.45 0.34
N VAL A 221 16.44 1.52 0.69
CA VAL A 221 16.80 1.88 2.05
C VAL A 221 16.29 3.27 2.37
N ASP A 222 16.44 4.23 1.43
CA ASP A 222 15.89 5.57 1.65
C ASP A 222 14.39 5.53 1.84
N ASP A 223 13.68 4.68 1.11
CA ASP A 223 12.24 4.53 1.32
C ASP A 223 11.96 4.11 2.76
N LEU A 224 12.65 3.08 3.24
CA LEU A 224 12.41 2.58 4.57
C LEU A 224 12.68 3.67 5.61
N LEU A 225 13.77 4.43 5.43
CA LEU A 225 14.12 5.47 6.39
C LEU A 225 13.14 6.62 6.32
N PHE A 226 12.61 6.92 5.15
CA PHE A 226 11.56 7.91 5.00
C PHE A 226 10.30 7.50 5.78
N LEU A 227 9.91 6.26 5.64
CA LEU A 227 8.75 5.75 6.36
C LEU A 227 8.99 5.84 7.86
N LYS A 228 10.15 5.44 8.30
CA LYS A 228 10.48 5.49 9.70
C LYS A 228 10.43 6.93 10.22
N GLU A 229 11.02 7.85 9.45
CA GLU A 229 11.09 9.26 9.88
C GLU A 229 9.70 9.79 10.20
N HIS A 230 8.71 9.44 9.39
CA HIS A 230 7.37 10.00 9.55
C HIS A 230 6.42 9.15 10.41
N ASP A 231 6.81 7.96 10.78
CA ASP A 231 5.95 7.15 11.66
C ASP A 231 4.56 7.00 11.06
N PHE A 232 4.49 6.65 9.77
CA PHE A 232 3.20 6.62 9.09
C PHE A 232 2.26 5.60 9.73
N ASP A 233 0.98 5.96 9.74
CA ASP A 233 -0.06 5.07 10.25
C ASP A 233 -0.22 3.84 9.40
N MET A 234 -0.08 4.02 8.09
CA MET A 234 -0.27 2.96 7.11
CA MET A 234 -0.24 2.95 7.13
C MET A 234 0.88 3.01 6.12
N VAL A 235 1.25 1.83 5.62
CA VAL A 235 2.27 1.75 4.58
C VAL A 235 1.85 0.72 3.56
N GLY A 236 1.66 1.15 2.32
CA GLY A 236 1.28 0.29 1.22
C GLY A 236 2.47 0.01 0.30
N ILE A 237 2.88 -1.26 0.20
CA ILE A 237 4.05 -1.64 -0.59
C ILE A 237 3.65 -2.74 -1.55
N GLY A 238 4.07 -2.57 -2.79
CA GLY A 238 3.89 -3.60 -3.77
C GLY A 238 5.01 -3.56 -4.80
N PRO A 239 5.14 -4.64 -5.55
CA PRO A 239 6.07 -4.65 -6.65
C PRO A 239 5.56 -3.79 -7.79
N PHE A 240 6.49 -3.14 -8.50
CA PHE A 240 6.17 -2.54 -9.78
C PHE A 240 5.82 -3.64 -10.79
N ILE A 241 4.69 -3.52 -11.46
CA ILE A 241 4.27 -4.47 -12.45
C ILE A 241 4.14 -3.74 -13.78
N PRO A 242 4.99 -3.99 -14.76
CA PRO A 242 4.95 -3.23 -15.99
C PRO A 242 3.63 -3.39 -16.70
N HIS A 243 3.13 -2.30 -17.27
CA HIS A 243 1.89 -2.27 -18.02
C HIS A 243 2.18 -2.07 -19.48
N PRO A 244 1.66 -2.93 -20.36
CA PRO A 244 2.01 -2.87 -21.77
C PRO A 244 1.68 -1.58 -22.49
N ASP A 245 0.74 -0.80 -21.98
CA ASP A 245 0.33 0.43 -22.64
C ASP A 245 0.96 1.66 -22.01
N THR A 246 2.17 1.49 -21.48
CA THR A 246 2.89 2.57 -20.84
C THR A 246 4.34 2.57 -21.31
N PRO A 247 5.10 3.65 -21.07
CA PRO A 247 6.49 3.69 -21.48
C PRO A 247 7.39 2.68 -20.80
N LEU A 248 6.95 2.10 -19.67
CA LEU A 248 7.73 1.13 -18.90
C LEU A 248 7.38 -0.30 -19.27
N ALA A 249 6.63 -0.52 -20.33
CA ALA A 249 6.16 -1.84 -20.74
C ALA A 249 7.23 -2.92 -20.71
N ASN A 250 8.44 -2.60 -21.10
CA ASN A 250 9.44 -3.63 -21.29
CA ASN A 250 9.46 -3.62 -21.31
C ASN A 250 10.45 -3.68 -20.16
N GLU A 251 10.20 -2.97 -19.08
CA GLU A 251 11.11 -2.97 -17.96
C GLU A 251 10.92 -4.21 -17.09
N LYS A 252 11.88 -4.45 -16.20
CA LYS A 252 11.81 -5.60 -15.30
C LYS A 252 10.66 -5.42 -14.34
N LYS A 253 10.01 -6.53 -14.01
CA LYS A 253 9.02 -6.55 -12.95
C LYS A 253 9.67 -6.50 -11.58
N GLY A 254 9.01 -5.93 -10.60
CA GLY A 254 9.53 -5.96 -9.26
C GLY A 254 9.60 -7.39 -8.70
N ASP A 255 10.60 -7.64 -7.91
CA ASP A 255 10.84 -8.98 -7.38
C ASP A 255 10.00 -9.23 -6.13
N PHE A 256 9.32 -10.38 -6.09
CA PHE A 256 8.45 -10.71 -4.95
C PHE A 256 9.24 -10.78 -3.66
N THR A 257 10.34 -11.51 -3.65
CA THR A 257 11.07 -11.66 -2.39
C THR A 257 11.59 -10.35 -1.87
N LEU A 258 12.15 -9.50 -2.75
CA LEU A 258 12.60 -8.21 -2.31
C LEU A 258 11.46 -7.38 -1.75
N THR A 259 10.29 -7.45 -2.41
CA THR A 259 9.15 -6.67 -1.90
C THR A 259 8.69 -7.21 -0.56
N LEU A 260 8.68 -8.53 -0.39
CA LEU A 260 8.34 -9.15 0.89
CA LEU A 260 8.32 -9.12 0.88
C LEU A 260 9.29 -8.69 1.98
N LYS A 261 10.59 -8.59 1.66
CA LYS A 261 11.53 -8.09 2.64
C LYS A 261 11.28 -6.63 2.99
N MET A 262 10.84 -5.82 2.03
CA MET A 262 10.45 -4.46 2.32
C MET A 262 9.26 -4.43 3.27
N VAL A 263 8.27 -5.31 3.06
CA VAL A 263 7.16 -5.38 4.00
C VAL A 263 7.62 -5.77 5.39
N ALA A 264 8.46 -6.80 5.44
CA ALA A 264 8.95 -7.26 6.74
C ALA A 264 9.74 -6.16 7.46
N LEU A 265 10.65 -5.51 6.74
CA LEU A 265 11.41 -4.45 7.37
C LEU A 265 10.52 -3.29 7.77
N THR A 266 9.49 -2.98 7.00
CA THR A 266 8.57 -1.93 7.42
C THR A 266 7.89 -2.31 8.73
N ARG A 267 7.44 -3.52 8.88
CA ARG A 267 6.83 -3.93 10.13
C ARG A 267 7.83 -3.80 11.28
N ILE A 268 9.07 -4.24 11.08
CA ILE A 268 10.07 -4.13 12.13
C ILE A 268 10.30 -2.66 12.50
N LEU A 269 10.41 -1.79 11.49
CA LEU A 269 10.65 -0.39 11.76
C LEU A 269 9.44 0.28 12.41
N LEU A 270 8.23 -0.11 12.05
CA LEU A 270 7.00 0.59 12.43
C LEU A 270 6.06 -0.46 13.04
N PRO A 271 6.33 -0.90 14.27
CA PRO A 271 5.70 -2.12 14.80
C PRO A 271 4.19 -2.08 14.93
N ASP A 272 3.62 -0.90 15.13
CA ASP A 272 2.15 -0.88 15.29
C ASP A 272 1.47 -0.23 14.07
N SER A 273 2.13 -0.12 12.95
CA SER A 273 1.52 0.41 11.74
CA SER A 273 1.45 0.44 11.80
C SER A 273 0.58 -0.59 11.08
N ASN A 274 -0.33 -0.08 10.26
CA ASN A 274 -1.20 -0.91 9.47
C ASN A 274 -0.61 -1.11 8.08
N ILE A 275 -0.32 -2.35 7.72
CA ILE A 275 0.44 -2.69 6.53
C ILE A 275 -0.38 -3.68 5.71
N PRO A 276 -0.91 -3.30 4.56
CA PRO A 276 -1.64 -4.28 3.76
CA PRO A 276 -1.64 -4.26 3.74
C PRO A 276 -0.78 -5.29 3.07
N ALA A 277 -1.37 -6.42 2.81
CA ALA A 277 -0.91 -7.40 1.83
C ALA A 277 -1.58 -6.99 0.53
N THR A 278 -0.82 -6.29 -0.34
CA THR A 278 -1.46 -5.60 -1.45
C THR A 278 -1.84 -6.56 -2.57
N THR A 279 -2.81 -6.10 -3.37
CA THR A 279 -3.21 -6.84 -4.55
CA THR A 279 -3.21 -6.79 -4.57
C THR A 279 -2.04 -7.08 -5.52
N ALA A 280 -1.11 -6.13 -5.59
CA ALA A 280 0.05 -6.35 -6.46
C ALA A 280 0.85 -7.57 -6.03
N MET A 281 0.96 -7.80 -4.71
CA MET A 281 1.63 -9.01 -4.20
C MET A 281 0.89 -10.27 -4.59
N GLY A 282 -0.44 -10.21 -4.55
CA GLY A 282 -1.22 -11.36 -4.97
C GLY A 282 -1.28 -11.55 -6.48
N THR A 283 -0.89 -10.52 -7.22
CA THR A 283 -0.86 -10.59 -8.68
C THR A 283 0.40 -11.32 -9.15
N ILE A 284 1.55 -11.00 -8.53
CA ILE A 284 2.80 -11.58 -9.02
CA ILE A 284 2.81 -11.55 -8.95
C ILE A 284 3.06 -12.99 -8.50
N VAL A 285 2.43 -13.43 -7.46
CA VAL A 285 2.61 -14.78 -6.95
C VAL A 285 1.22 -15.27 -6.58
N PRO A 286 0.79 -16.45 -7.02
CA PRO A 286 -0.47 -17.03 -6.56
C PRO A 286 -0.37 -17.28 -5.05
N GLY A 287 -1.31 -16.75 -4.28
CA GLY A 287 -1.22 -16.81 -2.86
C GLY A 287 -0.34 -15.75 -2.25
N GLY A 288 0.03 -14.75 -3.03
CA GLY A 288 0.98 -13.76 -2.53
C GLY A 288 0.47 -12.93 -1.36
N ARG A 289 -0.81 -12.67 -1.30
CA ARG A 289 -1.30 -11.92 -0.18
C ARG A 289 -1.22 -12.76 1.09
N GLU A 290 -1.60 -14.02 1.02
CA GLU A 290 -1.51 -14.90 2.16
C GLU A 290 -0.07 -14.96 2.67
N ILE A 291 0.90 -15.10 1.76
CA ILE A 291 2.31 -15.13 2.17
C ILE A 291 2.64 -13.84 2.89
N THR A 292 2.22 -12.71 2.33
CA THR A 292 2.59 -11.42 2.89
C THR A 292 2.00 -11.24 4.29
N LEU A 293 0.81 -11.76 4.53
CA LEU A 293 0.19 -11.71 5.86
C LEU A 293 0.95 -12.49 6.88
N ARG A 294 1.85 -13.39 6.47
CA ARG A 294 2.70 -14.14 7.37
C ARG A 294 4.06 -13.48 7.56
N CYS A 295 4.31 -12.33 6.93
CA CYS A 295 5.60 -11.69 6.92
C CYS A 295 5.51 -10.26 7.37
N GLY A 296 4.46 -9.96 8.12
CA GLY A 296 4.34 -8.67 8.78
C GLY A 296 3.11 -7.89 8.43
N ALA A 297 2.37 -8.23 7.39
CA ALA A 297 1.18 -7.48 7.03
C ALA A 297 0.01 -7.87 7.91
N ASN A 298 -0.95 -6.92 8.07
CA ASN A 298 -2.10 -7.11 8.94
C ASN A 298 -3.39 -6.52 8.36
N VAL A 299 -3.41 -6.18 7.09
CA VAL A 299 -4.56 -5.54 6.44
C VAL A 299 -4.75 -6.22 5.10
N ILE A 300 -5.99 -6.33 4.66
CA ILE A 300 -6.28 -6.76 3.32
C ILE A 300 -7.39 -5.90 2.73
N ILE A 301 -7.31 -5.69 1.43
CA ILE A 301 -8.16 -4.71 0.72
C ILE A 301 -8.90 -5.41 -0.38
N PRO A 302 -9.97 -6.13 -0.07
CA PRO A 302 -10.74 -6.75 -1.15
C PRO A 302 -11.29 -5.75 -2.12
N ASN A 303 -11.23 -6.09 -3.40
CA ASN A 303 -11.71 -5.26 -4.45
CA ASN A 303 -11.70 -5.23 -4.44
C ASN A 303 -13.22 -5.25 -4.48
N TRP A 304 -13.85 -4.12 -4.28
CA TRP A 304 -15.27 -3.99 -4.29
C TRP A 304 -15.76 -3.12 -5.44
N THR A 305 -14.94 -2.90 -6.45
CA THR A 305 -15.38 -2.19 -7.63
C THR A 305 -16.35 -3.07 -8.41
N PRO A 306 -17.52 -2.58 -8.81
CA PRO A 306 -18.50 -3.44 -9.46
C PRO A 306 -18.21 -3.60 -10.94
N SER A 307 -18.69 -4.70 -11.50
CA SER A 307 -18.83 -4.82 -12.94
C SER A 307 -19.80 -3.74 -13.41
N PRO A 308 -19.62 -3.18 -14.62
CA PRO A 308 -18.62 -3.50 -15.62
C PRO A 308 -17.36 -2.67 -15.52
N TYR A 309 -17.14 -1.99 -14.41
CA TYR A 309 -16.05 -1.07 -14.26
C TYR A 309 -14.77 -1.74 -13.77
N ARG A 310 -14.91 -2.80 -12.97
CA ARG A 310 -13.75 -3.34 -12.29
CA ARG A 310 -13.75 -3.34 -12.29
C ARG A 310 -12.60 -3.68 -13.24
N GLN A 311 -12.94 -4.29 -14.40
CA GLN A 311 -11.91 -4.70 -15.34
C GLN A 311 -11.22 -3.55 -16.00
N LEU A 312 -11.76 -2.32 -15.86
CA LEU A 312 -11.22 -1.18 -16.53
C LEU A 312 -10.26 -0.41 -15.61
N TYR A 313 -10.15 -0.76 -14.34
CA TYR A 313 -9.25 -0.06 -13.41
C TYR A 313 -7.89 -0.74 -13.46
N GLN A 314 -7.28 -0.64 -14.64
CA GLN A 314 -6.16 -1.47 -15.01
C GLN A 314 -4.85 -0.78 -14.72
N LEU A 315 -4.50 -0.61 -13.43
CA LEU A 315 -3.25 0.02 -13.02
C LEU A 315 -2.10 -0.80 -13.60
N TYR A 316 -2.21 -2.12 -13.59
CA TYR A 316 -1.20 -3.05 -14.06
C TYR A 316 -1.92 -4.31 -14.52
N PRO A 317 -1.31 -5.08 -15.39
CA PRO A 317 -1.92 -6.31 -15.87
C PRO A 317 -2.07 -7.35 -14.77
N GLY A 318 -3.10 -8.14 -14.87
CA GLY A 318 -3.39 -9.20 -13.93
C GLY A 318 -4.08 -8.75 -12.67
N LYS A 319 -4.37 -7.46 -12.52
CA LYS A 319 -4.91 -6.95 -11.27
C LYS A 319 -6.30 -7.48 -10.93
N ILE A 320 -7.14 -7.64 -11.97
CA ILE A 320 -8.54 -7.96 -11.84
C ILE A 320 -8.83 -9.33 -12.40
N SER A 321 -9.52 -10.19 -11.64
CA SER A 321 -10.08 -11.40 -12.23
C SER A 321 -11.55 -11.19 -12.56
N VAL A 322 -11.98 -11.67 -13.70
CA VAL A 322 -13.40 -11.57 -14.02
C VAL A 322 -14.07 -12.94 -13.93
N PHE A 323 -13.38 -13.93 -13.29
CA PHE A 323 -13.96 -15.25 -13.17
C PHE A 323 -15.09 -15.36 -12.17
N GLU A 324 -15.13 -14.52 -11.17
CA GLU A 324 -16.17 -14.63 -10.15
CA GLU A 324 -16.23 -14.67 -10.21
C GLU A 324 -17.01 -13.36 -10.14
N LYS A 325 -18.19 -13.45 -9.53
CA LYS A 325 -19.06 -12.30 -9.37
C LYS A 325 -18.38 -11.22 -8.56
N ASP A 326 -18.78 -9.97 -8.77
CA ASP A 326 -18.14 -8.84 -8.16
C ASP A 326 -18.47 -8.68 -6.68
N THR A 327 -19.27 -9.55 -6.06
CA THR A 327 -19.44 -9.53 -4.61
C THR A 327 -18.63 -10.62 -3.92
N ALA A 328 -17.76 -11.34 -4.63
CA ALA A 328 -17.05 -12.48 -4.05
C ALA A 328 -15.89 -12.08 -3.16
N SER A 329 -15.35 -10.87 -3.28
CA SER A 329 -14.07 -10.58 -2.64
C SER A 329 -14.13 -10.57 -1.13
N ILE A 330 -15.20 -9.96 -0.58
CA ILE A 330 -15.26 -9.88 0.89
C ILE A 330 -15.36 -11.28 1.49
N PRO A 331 -16.30 -12.15 1.07
CA PRO A 331 -16.29 -13.49 1.63
C PRO A 331 -14.98 -14.22 1.34
N SER A 332 -14.36 -13.99 0.19
CA SER A 332 -13.12 -14.68 -0.12
C SER A 332 -12.03 -14.30 0.87
N VAL A 333 -11.85 -13.02 1.16
CA VAL A 333 -10.78 -12.65 2.08
C VAL A 333 -11.11 -13.11 3.49
N MET A 334 -12.38 -13.13 3.88
CA MET A 334 -12.74 -13.66 5.18
CA MET A 334 -12.78 -13.66 5.17
C MET A 334 -12.33 -15.12 5.28
N LYS A 335 -12.54 -15.92 4.21
CA LYS A 335 -12.16 -17.32 4.25
C LYS A 335 -10.64 -17.44 4.35
N MET A 336 -9.94 -16.58 3.64
CA MET A 336 -8.48 -16.56 3.68
CA MET A 336 -8.49 -16.63 3.69
C MET A 336 -7.98 -16.31 5.11
N ILE A 337 -8.56 -15.29 5.75
CA ILE A 337 -8.16 -14.90 7.08
C ILE A 337 -8.40 -16.04 8.07
N GLU A 338 -9.55 -16.75 7.93
CA GLU A 338 -9.82 -17.86 8.81
CA GLU A 338 -9.83 -17.88 8.80
C GLU A 338 -8.80 -18.98 8.61
N LEU A 339 -8.43 -19.26 7.35
CA LEU A 339 -7.52 -20.35 7.07
C LEU A 339 -6.12 -20.03 7.62
N LEU A 340 -5.77 -18.74 7.71
CA LEU A 340 -4.50 -18.32 8.27
C LEU A 340 -4.48 -18.43 9.78
N GLY A 341 -5.59 -18.73 10.41
CA GLY A 341 -5.61 -18.74 11.86
C GLY A 341 -5.80 -17.35 12.45
N ARG A 342 -6.21 -16.39 11.63
CA ARG A 342 -6.37 -14.98 12.02
C ARG A 342 -7.87 -14.69 12.17
N LYS A 343 -8.20 -13.45 12.47
CA LYS A 343 -9.61 -13.08 12.55
CA LYS A 343 -9.59 -13.04 12.64
C LYS A 343 -9.78 -11.71 11.94
N PRO A 344 -10.98 -11.40 11.41
CA PRO A 344 -11.20 -10.06 10.89
C PRO A 344 -11.19 -9.04 12.03
N GLY A 345 -10.94 -7.81 11.69
CA GLY A 345 -10.96 -6.76 12.68
C GLY A 345 -12.34 -6.59 13.31
N ARG A 346 -12.36 -6.25 14.57
CA ARG A 346 -13.54 -6.11 15.36
C ARG A 346 -14.12 -4.72 15.27
N ASP A 347 -13.28 -3.73 15.04
CA ASP A 347 -13.64 -2.33 15.03
C ASP A 347 -13.10 -1.74 13.75
N TRP A 348 -12.97 -0.42 13.68
CA TRP A 348 -12.50 0.23 12.47
C TRP A 348 -11.03 -0.04 12.17
N GLY A 349 -10.27 -0.57 13.12
CA GLY A 349 -8.90 -0.91 12.84
C GLY A 349 -8.01 0.31 12.63
N GLY A 350 -8.26 1.42 13.30
CA GLY A 350 -7.37 2.56 13.23
C GLY A 350 -6.03 2.24 13.85
N ARG A 351 -4.98 2.88 13.41
CA ARG A 351 -3.66 2.67 13.98
C ARG A 351 -3.62 3.07 15.43
N LYS A 352 -3.04 2.21 16.25
CA LYS A 352 -2.88 2.46 17.67
C LYS A 352 -1.41 2.72 17.97
N ARG A 353 -1.15 3.20 19.16
CA ARG A 353 0.20 3.49 19.66
C ARG A 353 0.51 2.61 20.86
N VAL A 354 0.98 1.38 20.63
CA VAL A 354 1.26 0.42 21.69
C VAL A 354 2.73 0.06 21.74
N PHE A 355 3.51 0.48 20.73
CA PHE A 355 4.94 0.23 20.77
CA PHE A 355 4.94 0.26 20.73
C PHE A 355 5.59 1.42 21.50
N GLU A 356 6.40 1.08 22.50
CA GLU A 356 7.06 2.04 23.39
C GLU A 356 6.00 2.78 24.23
C1 CPS B . 6.45 -17.15 4.99
C2 CPS B . 6.83 -18.38 4.23
C3 CPS B . 4.39 -18.48 3.56
C4 CPS B . 3.28 -19.47 3.06
C5 CPS B . 3.77 -20.70 2.29
C6 CPS B . 4.87 -21.46 3.10
C7 CPS B . 5.07 -22.77 2.37
C8 CPS B . 3.72 -23.11 1.75
C9 CPS B . 2.83 -21.92 2.06
C10 CPS B . 4.30 -20.14 0.94
C11 CPS B . 7.29 -17.92 2.91
C12 CPS B . 6.19 -17.32 6.45
C13 CPS B . 7.41 -17.99 7.10
C14 CPS B . 7.72 -19.30 6.40
C15 CPS B . 8.00 -19.05 4.93
C16 CPS B . 8.40 -20.34 4.17
C17 CPS B . 7.25 -21.33 3.93
C18 CPS B . 6.08 -20.59 3.31
C19 CPS B . 5.64 -19.31 4.08
C20 CPS B . 1.81 -21.88 0.94
O2 CPS B . 7.12 -18.30 8.47
O3 CPS B . 6.86 -21.97 5.14
O4 CPS B . 2.54 -19.87 4.21
N SAH C . -4.21 8.33 -8.32
N SAH C . -4.27 8.39 -8.22
CA SAH C . -4.01 8.01 -6.90
CA SAH C . -3.97 7.79 -6.89
CB SAH C . -4.71 6.70 -6.55
CB SAH C . -4.20 6.28 -6.93
CG SAH C . -4.72 5.59 -7.60
CG SAH C . -3.16 5.52 -7.71
SD SAH C . -3.13 4.92 -8.14
SD SAH C . -3.46 3.72 -7.77
C SAH C . -2.52 8.02 -6.60
C SAH C . -2.53 8.14 -6.52
O SAH C . -2.16 8.05 -5.40
O SAH C . -2.23 8.19 -5.35
OXT SAH C . -1.74 7.98 -7.59
OXT SAH C . -1.72 8.36 -7.45
C5' SAH C . -2.81 3.85 -6.69
C5' SAH C . -2.66 3.39 -6.18
C4' SAH C . -1.42 3.22 -6.59
C4' SAH C . -1.18 3.02 -6.15
O4' SAH C . -1.30 2.20 -7.58
O4' SAH C . -0.96 1.96 -7.09
C3' SAH C . -0.23 4.08 -6.85
C3' SAH C . -0.17 4.08 -6.55
O3' SAH C . 0.11 4.75 -5.65
O3' SAH C . 0.12 4.92 -5.44
C2' SAH C . 0.87 3.08 -7.25
C2' SAH C . 1.04 3.27 -7.01
O2' SAH C . 1.75 2.76 -6.19
O2' SAH C . 1.99 3.06 -5.96
C1' SAH C . 0.05 1.85 -7.67
C1' SAH C . 0.43 1.89 -7.35
N9 SAH C . 0.42 1.45 -9.02
N9 SAH C . 0.63 1.53 -8.75
C8 SAH C . 0.22 2.18 -10.16
C8 SAH C . 0.28 2.28 -9.84
N7 SAH C . 0.76 1.60 -11.21
N7 SAH C . 0.63 1.73 -10.99
C5 SAH C . 1.39 0.46 -10.75
C5 SAH C . 1.25 0.56 -10.62
C6 SAH C . 2.13 -0.54 -11.37
C6 SAH C . 1.84 -0.46 -11.38
N6 SAH C . 2.38 -0.52 -12.68
N6 SAH C . 1.90 -0.43 -12.71
N1 SAH C . 2.63 -1.54 -10.59
N1 SAH C . 2.39 -1.51 -10.72
C2 SAH C . 2.34 -1.55 -9.28
C2 SAH C . 2.31 -1.53 -9.38
N3 SAH C . 1.62 -0.65 -8.62
N3 SAH C . 1.77 -0.62 -8.57
C4 SAH C . 1.17 0.37 -9.39
C4 SAH C . 1.25 0.42 -9.25
FE1 SF4 D . -2.05 6.38 -12.06
FE2 SF4 D . -3.06 8.87 -12.15
FE3 SF4 D . -0.47 8.49 -11.49
FE4 SF4 D . -2.49 7.74 -9.59
S1 SF4 D . -1.90 9.88 -10.43
S2 SF4 D . -0.61 6.53 -10.27
S3 SF4 D . -4.04 7.01 -11.25
S4 SF4 D . -1.44 8.07 -13.53
CL CL E . -7.69 2.11 5.53
CL CL F . -9.72 -8.92 -3.76
CL CL G . -2.30 -0.14 -0.04
CL CL H . -1.53 -2.78 -5.22
CL CL I . 52.28 -4.99 5.27
CL CL I . 51.99 -3.30 5.72
S SO4 J . 12.12 6.63 -19.15
S SO4 J . 12.58 5.13 -20.61
O1 SO4 J . 11.84 6.90 -20.69
O1 SO4 J . 12.94 3.83 -21.18
O2 SO4 J . 13.73 6.49 -19.01
O2 SO4 J . 13.33 6.26 -21.35
O3 SO4 J . 10.80 7.90 -18.43
O3 SO4 J . 11.08 5.29 -20.81
O4 SO4 J . 11.62 4.84 -18.48
O4 SO4 J . 12.94 5.18 -19.09
S SO4 K . 23.24 6.43 8.11
O1 SO4 K . 24.48 6.12 7.40
O2 SO4 K . 22.50 7.43 7.36
O3 SO4 K . 22.42 5.13 8.17
O4 SO4 K . 23.56 6.95 9.48
#